data_149D
#
_entry.id   149D
#
_cell.length_a   1.000
_cell.length_b   1.000
_cell.length_c   1.000
_cell.angle_alpha   90.00
_cell.angle_beta   90.00
_cell.angle_gamma   90.00
#
_symmetry.space_group_name_H-M   'P 1'
#
loop_
_entity.id
_entity.type
_entity.pdbx_description
1 polymer "5'-D(*CP*CP*TP*AP*TP*TP*C)-3'"
2 polymer "5'-D(*GP*AP*AP*TP*AP*GP*G)-3'"
3 polymer "5'-D(*CP*TP*TP*GP*TP*CP*C)-3'"
#
loop_
_entity_poly.entity_id
_entity_poly.type
_entity_poly.pdbx_seq_one_letter_code
_entity_poly.pdbx_strand_id
1 'polydeoxyribonucleotide' (DC)(DC)(DT)(DA)(DT)(DT)(DC) A
2 'polydeoxyribonucleotide' (DG)(DA)(DA)(DT)(DA)(DG)(DG) B
3 'polydeoxyribonucleotide' (DC)(DT)(DT)(DG)(DT)(DC)(DC) C
#
loop_
_chem_comp.id
_chem_comp.type
_chem_comp.name
_chem_comp.formula
DA DNA linking 2'-DEOXYADENOSINE-5'-MONOPHOSPHATE 'C10 H14 N5 O6 P'
DC DNA linking 2'-DEOXYCYTIDINE-5'-MONOPHOSPHATE 'C9 H14 N3 O7 P'
DG DNA linking 2'-DEOXYGUANOSINE-5'-MONOPHOSPHATE 'C10 H14 N5 O7 P'
DT DNA linking THYMIDINE-5'-MONOPHOSPHATE 'C10 H15 N2 O8 P'
#